data_3DUV
#
_entry.id   3DUV
#
_cell.length_a   48.418
_cell.length_b   82.609
_cell.length_c   115.712
_cell.angle_alpha   90.000
_cell.angle_beta   90.000
_cell.angle_gamma   90.000
#
_symmetry.space_group_name_H-M   'P 21 21 21'
#
loop_
_entity.id
_entity.type
_entity.pdbx_description
1 polymer '3-deoxy-manno-octulosonate cytidylyltransferase'
2 non-polymer '3-deoxy-alpha-D-manno-oct-2-ulopyranosonic acid'
3 non-polymer 'O-ACETALDEHYDYL-HEXAETHYLENE GLYCOL'
4 water water
#
_entity_poly.entity_id   1
_entity_poly.type   'polypeptide(L)'
_entity_poly.pdbx_seq_one_letter_code
;(MSE)SFTVIIPARFASSRLPGKPLADIKGKP(MSE)IQHVFEKALQSGASRVIIATDNENVADVAKSFGAEVC(MSE)T
SVNHNSGTERLAEVVEKLAIPDNEIIVNIQGDEPLIPPVIVRQVADNLAKFNVN(MSE)ASLAVKIHDAEELFNPNAVKV
LTDKDGYVLYFSRSVIPYDRDQF(MSE)NLQDVQKVQLSDAYLRHIGIYAYRAGFIKQYVQWAPTQLENLEKLEQLRVLY
NGERIHVELAKEVPAVGVDTAEDLEKVRAILAANLEHHHHHH
;
_entity_poly.pdbx_strand_id   A,B
#
loop_
_chem_comp.id
_chem_comp.type
_chem_comp.name
_chem_comp.formula
KDO D-saccharide, alpha linking '3-deoxy-alpha-D-manno-oct-2-ulopyranosonic acid' 'C8 H14 O8'
P4C non-polymer 'O-ACETALDEHYDYL-HEXAETHYLENE GLYCOL' 'C14 H28 O8'
#
# COMPACT_ATOMS: atom_id res chain seq x y z
N MSE A 1 9.57 -9.78 26.67
CA MSE A 1 9.22 -11.02 27.42
C MSE A 1 10.43 -11.95 27.50
O MSE A 1 10.99 -12.17 28.58
CB MSE A 1 8.06 -11.74 26.74
CG MSE A 1 8.27 -12.01 25.25
SE MSE A 1 7.76 -13.82 24.73
CE MSE A 1 5.85 -13.57 24.56
N SER A 2 10.81 -12.49 26.35
CA SER A 2 11.94 -13.41 26.21
C SER A 2 12.32 -13.47 24.73
N PHE A 3 13.26 -12.62 24.36
CA PHE A 3 13.70 -12.54 22.97
C PHE A 3 15.19 -12.24 22.94
N THR A 4 15.83 -12.48 21.80
CA THR A 4 17.24 -12.18 21.68
C THR A 4 17.40 -11.17 20.56
N VAL A 5 18.20 -10.13 20.84
CA VAL A 5 18.45 -9.10 19.86
C VAL A 5 19.68 -9.41 19.02
N ILE A 6 19.53 -9.26 17.71
CA ILE A 6 20.64 -9.47 16.78
C ILE A 6 20.76 -8.18 15.99
N ILE A 7 21.94 -7.57 16.05
CA ILE A 7 22.18 -6.30 15.37
C ILE A 7 23.09 -6.41 14.15
N PRO A 8 22.54 -6.20 12.95
CA PRO A 8 23.33 -6.27 11.72
C PRO A 8 24.06 -4.93 11.58
N ALA A 9 25.39 -4.94 11.68
CA ALA A 9 26.12 -3.69 11.61
C ALA A 9 26.91 -3.40 10.33
N ARG A 10 27.99 -4.16 10.14
CA ARG A 10 28.90 -4.01 8.99
C ARG A 10 29.99 -3.00 9.32
N LYS A 27 30.86 5.27 22.55
CA LYS A 27 30.48 6.46 21.81
C LYS A 27 29.93 6.14 20.42
N PRO A 28 30.60 5.22 19.68
CA PRO A 28 30.12 4.84 18.34
C PRO A 28 28.67 4.39 18.35
N MSE A 29 27.95 4.71 17.29
CA MSE A 29 26.54 4.33 17.20
C MSE A 29 26.38 2.84 17.46
O MSE A 29 25.37 2.39 17.98
CB MSE A 29 25.98 4.69 15.82
CG MSE A 29 26.02 6.19 15.53
SE MSE A 29 25.12 7.29 16.86
CE MSE A 29 26.65 7.75 17.96
N ILE A 30 27.42 2.07 17.10
CA ILE A 30 27.42 0.63 17.30
C ILE A 30 27.19 0.28 18.77
N GLN A 31 27.87 1.01 19.65
CA GLN A 31 27.76 0.77 21.08
C GLN A 31 26.42 1.31 21.61
N HIS A 32 26.05 2.51 21.17
CA HIS A 32 24.79 3.11 21.58
C HIS A 32 23.62 2.21 21.23
N VAL A 33 23.80 1.39 20.20
CA VAL A 33 22.74 0.46 19.79
C VAL A 33 22.78 -0.75 20.70
N PHE A 34 23.98 -1.14 21.10
CA PHE A 34 24.16 -2.30 21.97
C PHE A 34 23.49 -2.08 23.32
N GLU A 35 23.76 -0.93 23.93
CA GLU A 35 23.22 -0.58 25.23
C GLU A 35 21.70 -0.44 25.23
N LYS A 36 21.13 -0.10 24.08
CA LYS A 36 19.68 0.03 23.99
C LYS A 36 19.09 -1.38 23.94
N ALA A 37 19.77 -2.28 23.23
CA ALA A 37 19.31 -3.66 23.10
C ALA A 37 19.36 -4.31 24.47
N LEU A 38 20.32 -3.89 25.29
CA LEU A 38 20.48 -4.42 26.63
C LEU A 38 19.39 -3.92 27.57
N GLN A 39 19.10 -2.62 27.52
CA GLN A 39 18.08 -2.08 28.39
C GLN A 39 16.68 -2.36 27.89
N SER A 40 16.58 -3.13 26.81
CA SER A 40 15.28 -3.48 26.25
C SER A 40 14.74 -4.75 26.93
N GLY A 41 15.58 -5.40 27.71
CA GLY A 41 15.15 -6.61 28.40
C GLY A 41 15.56 -7.91 27.70
N ALA A 42 16.17 -7.78 26.54
CA ALA A 42 16.61 -8.93 25.75
C ALA A 42 17.43 -9.92 26.58
N SER A 43 17.25 -11.21 26.29
CA SER A 43 17.97 -12.26 26.99
C SER A 43 19.40 -12.35 26.49
N ARG A 44 19.54 -12.14 25.18
CA ARG A 44 20.84 -12.23 24.53
C ARG A 44 20.94 -11.14 23.46
N VAL A 45 22.14 -10.59 23.28
CA VAL A 45 22.35 -9.57 22.27
C VAL A 45 23.57 -9.93 21.46
N ILE A 46 23.36 -10.08 20.15
CA ILE A 46 24.42 -10.45 19.24
C ILE A 46 24.70 -9.36 18.22
N ILE A 47 25.98 -9.10 17.96
CA ILE A 47 26.34 -8.10 16.97
C ILE A 47 26.85 -8.82 15.72
N ALA A 48 25.99 -8.89 14.71
CA ALA A 48 26.33 -9.55 13.45
C ALA A 48 27.06 -8.57 12.53
N THR A 49 28.23 -8.97 12.08
CA THR A 49 29.02 -8.12 11.21
C THR A 49 29.90 -8.95 10.29
N ASP A 50 30.26 -8.36 9.16
CA ASP A 50 31.10 -9.01 8.16
C ASP A 50 32.46 -8.32 8.13
N ASN A 51 32.78 -7.61 9.21
CA ASN A 51 34.03 -6.88 9.29
C ASN A 51 34.83 -7.27 10.54
N GLU A 52 36.11 -7.56 10.36
CA GLU A 52 36.97 -7.94 11.48
C GLU A 52 37.15 -6.79 12.46
N ASN A 53 37.29 -5.57 11.93
CA ASN A 53 37.46 -4.38 12.76
C ASN A 53 36.24 -4.17 13.64
N VAL A 54 35.06 -4.22 13.02
CA VAL A 54 33.81 -4.04 13.74
C VAL A 54 33.66 -5.14 14.79
N ALA A 55 33.96 -6.37 14.39
CA ALA A 55 33.86 -7.49 15.31
C ALA A 55 34.84 -7.27 16.46
N ASP A 56 35.96 -6.63 16.13
CA ASP A 56 37.00 -6.33 17.10
C ASP A 56 36.54 -5.26 18.09
N VAL A 57 35.84 -4.26 17.58
CA VAL A 57 35.34 -3.17 18.40
C VAL A 57 34.17 -3.58 19.29
N ALA A 58 33.44 -4.62 18.86
CA ALA A 58 32.28 -5.10 19.61
C ALA A 58 32.72 -5.91 20.83
N LYS A 59 33.94 -6.45 20.76
CA LYS A 59 34.49 -7.23 21.85
C LYS A 59 35.16 -6.28 22.84
N SER A 60 35.14 -4.99 22.51
CA SER A 60 35.71 -3.95 23.35
C SER A 60 34.76 -3.67 24.50
N PHE A 61 33.47 -3.52 24.18
CA PHE A 61 32.47 -3.28 25.20
C PHE A 61 31.70 -4.55 25.55
N GLY A 62 32.39 -5.68 25.47
CA GLY A 62 31.80 -6.96 25.82
C GLY A 62 30.54 -7.38 25.09
N ALA A 63 30.59 -7.40 23.77
CA ALA A 63 29.41 -7.79 23.00
C ALA A 63 29.66 -9.10 22.25
N GLU A 64 28.68 -10.00 22.29
CA GLU A 64 28.82 -11.25 21.59
C GLU A 64 28.87 -10.87 20.10
N VAL A 65 29.80 -11.48 19.37
CA VAL A 65 29.94 -11.18 17.95
C VAL A 65 29.86 -12.42 17.09
N CYS A 66 29.14 -12.32 15.97
CA CYS A 66 29.02 -13.43 15.04
C CYS A 66 29.42 -12.97 13.65
N MSE A 67 30.60 -13.40 13.21
CA MSE A 67 31.09 -13.05 11.89
C MSE A 67 30.17 -13.67 10.84
O MSE A 67 29.84 -14.85 10.93
CB MSE A 67 32.51 -13.58 11.69
CG MSE A 67 33.59 -12.78 12.38
SE MSE A 67 33.78 -11.03 11.57
CE MSE A 67 34.78 -11.54 10.00
N THR A 68 29.75 -12.87 9.88
CA THR A 68 28.87 -13.35 8.82
C THR A 68 29.49 -13.00 7.46
N SER A 69 28.94 -13.61 6.42
CA SER A 69 29.42 -13.39 5.06
C SER A 69 29.09 -11.98 4.61
N VAL A 70 29.88 -11.47 3.66
CA VAL A 70 29.66 -10.15 3.10
C VAL A 70 28.58 -10.28 2.04
N ASN A 71 28.27 -11.52 1.68
CA ASN A 71 27.26 -11.79 0.66
C ASN A 71 25.82 -11.81 1.18
N HIS A 72 25.40 -10.67 1.71
CA HIS A 72 24.04 -10.48 2.24
C HIS A 72 23.62 -9.08 1.81
N ASN A 73 22.52 -9.00 1.07
CA ASN A 73 22.07 -7.70 0.61
C ASN A 73 21.17 -6.98 1.63
N SER A 74 20.90 -7.62 2.76
CA SER A 74 20.07 -6.99 3.79
C SER A 74 20.32 -7.55 5.17
N GLY A 75 19.96 -6.77 6.18
CA GLY A 75 20.15 -7.18 7.55
C GLY A 75 19.41 -8.48 7.86
N THR A 76 18.20 -8.64 7.32
CA THR A 76 17.42 -9.85 7.56
C THR A 76 18.14 -11.08 7.00
N GLU A 77 18.75 -10.92 5.83
CA GLU A 77 19.50 -12.00 5.19
C GLU A 77 20.73 -12.36 6.03
N ARG A 78 21.37 -11.35 6.59
CA ARG A 78 22.54 -11.58 7.43
C ARG A 78 22.14 -12.34 8.70
N LEU A 79 20.97 -12.02 9.24
CA LEU A 79 20.47 -12.69 10.43
C LEU A 79 20.17 -14.16 10.18
N ALA A 80 19.92 -14.51 8.91
CA ALA A 80 19.64 -15.89 8.56
C ALA A 80 20.88 -16.74 8.84
N GLU A 81 22.05 -16.23 8.46
CA GLU A 81 23.29 -16.95 8.69
C GLU A 81 23.54 -17.06 10.19
N VAL A 82 23.27 -15.99 10.93
CA VAL A 82 23.46 -16.01 12.36
C VAL A 82 22.64 -17.15 12.96
N VAL A 83 21.34 -17.14 12.69
CA VAL A 83 20.44 -18.19 13.18
C VAL A 83 20.95 -19.59 12.84
N GLU A 84 21.71 -19.70 11.75
CA GLU A 84 22.28 -20.97 11.31
C GLU A 84 23.51 -21.34 12.13
N LYS A 85 24.46 -20.41 12.20
CA LYS A 85 25.69 -20.61 12.92
C LYS A 85 25.51 -20.88 14.41
N LEU A 86 24.57 -20.17 15.02
CA LEU A 86 24.31 -20.32 16.44
C LEU A 86 23.26 -21.37 16.75
N ALA A 87 22.70 -21.97 15.71
CA ALA A 87 21.68 -23.00 15.85
C ALA A 87 20.60 -22.58 16.84
N ILE A 88 20.05 -21.38 16.60
CA ILE A 88 19.00 -20.83 17.44
C ILE A 88 17.67 -21.47 17.08
N PRO A 89 16.91 -21.94 18.08
CA PRO A 89 15.62 -22.58 17.83
C PRO A 89 14.73 -21.72 16.95
N ASP A 90 13.90 -22.38 16.14
CA ASP A 90 12.99 -21.70 15.24
C ASP A 90 11.98 -20.82 15.96
N ASN A 91 11.53 -21.26 17.14
CA ASN A 91 10.54 -20.52 17.90
C ASN A 91 11.11 -19.36 18.69
N GLU A 92 12.44 -19.25 18.71
CA GLU A 92 13.10 -18.17 19.42
C GLU A 92 12.80 -16.86 18.71
N ILE A 93 12.37 -15.85 19.46
CA ILE A 93 12.05 -14.55 18.88
C ILE A 93 13.29 -13.68 18.75
N ILE A 94 13.54 -13.20 17.53
CA ILE A 94 14.68 -12.33 17.29
C ILE A 94 14.22 -10.91 16.95
N VAL A 95 14.84 -9.93 17.62
CA VAL A 95 14.52 -8.54 17.35
C VAL A 95 15.70 -7.94 16.62
N ASN A 96 15.46 -7.50 15.39
CA ASN A 96 16.48 -6.88 14.55
C ASN A 96 16.44 -5.37 14.75
N ILE A 97 17.46 -4.82 15.40
CA ILE A 97 17.52 -3.39 15.60
C ILE A 97 18.60 -2.96 14.62
N GLN A 98 18.16 -2.59 13.42
CA GLN A 98 19.06 -2.19 12.35
C GLN A 98 20.19 -1.28 12.78
N GLY A 99 19.84 -0.13 13.33
CA GLY A 99 20.84 0.81 13.75
C GLY A 99 20.34 1.64 14.91
N ASP A 100 20.84 2.87 15.01
CA ASP A 100 20.41 3.74 16.09
C ASP A 100 19.12 4.48 15.82
N GLU A 101 18.30 4.57 16.87
CA GLU A 101 17.02 5.26 16.84
C GLU A 101 16.99 6.00 18.18
N PRO A 102 17.66 7.16 18.24
CA PRO A 102 17.75 8.00 19.45
C PRO A 102 16.43 8.39 20.09
N LEU A 103 15.39 8.55 19.28
CA LEU A 103 14.09 8.94 19.81
C LEU A 103 13.21 7.73 20.14
N ILE A 104 13.80 6.54 20.10
CA ILE A 104 13.06 5.32 20.41
C ILE A 104 13.49 4.69 21.73
N PRO A 105 12.57 4.68 22.71
CA PRO A 105 12.82 4.11 24.04
C PRO A 105 12.83 2.58 23.99
N PRO A 106 13.54 1.95 24.93
CA PRO A 106 13.67 0.49 25.03
C PRO A 106 12.41 -0.30 25.42
N VAL A 107 11.47 0.36 26.09
CA VAL A 107 10.25 -0.35 26.49
C VAL A 107 9.43 -0.74 25.27
N ILE A 108 9.54 0.06 24.22
CA ILE A 108 8.83 -0.19 22.98
C ILE A 108 9.40 -1.44 22.31
N VAL A 109 10.70 -1.65 22.46
CA VAL A 109 11.36 -2.80 21.86
C VAL A 109 10.74 -4.13 22.31
N ARG A 110 10.31 -4.21 23.57
CA ARG A 110 9.70 -5.45 24.06
C ARG A 110 8.30 -5.62 23.53
N GLN A 111 7.60 -4.51 23.36
CA GLN A 111 6.24 -4.55 22.87
C GLN A 111 6.20 -5.09 21.44
N VAL A 112 7.13 -4.63 20.61
CA VAL A 112 7.15 -5.11 19.24
C VAL A 112 7.39 -6.62 19.26
N ALA A 113 8.18 -7.09 20.23
CA ALA A 113 8.47 -8.51 20.34
C ALA A 113 7.20 -9.27 20.75
N ASP A 114 6.43 -8.70 21.66
CA ASP A 114 5.18 -9.31 22.11
C ASP A 114 4.07 -9.20 21.06
N ASN A 115 4.18 -8.21 20.17
CA ASN A 115 3.13 -8.06 19.15
C ASN A 115 3.00 -9.24 18.20
N LEU A 116 4.03 -10.06 18.09
CA LEU A 116 3.95 -11.22 17.20
C LEU A 116 2.77 -12.11 17.58
N ALA A 117 2.63 -12.41 18.87
CA ALA A 117 1.54 -13.27 19.33
C ALA A 117 0.24 -12.51 19.48
N LYS A 118 0.34 -11.28 19.99
CA LYS A 118 -0.83 -10.45 20.19
C LYS A 118 -1.67 -10.28 18.94
N PHE A 119 -1.03 -9.82 17.87
CA PHE A 119 -1.72 -9.57 16.60
C PHE A 119 -1.59 -10.74 15.65
N ASN A 120 -1.05 -11.84 16.16
CA ASN A 120 -0.88 -13.07 15.38
C ASN A 120 -0.18 -12.87 14.04
N VAL A 121 1.06 -12.38 14.09
CA VAL A 121 1.82 -12.17 12.86
C VAL A 121 3.22 -12.75 13.01
N ASN A 122 3.86 -13.05 11.88
CA ASN A 122 5.21 -13.60 11.88
C ASN A 122 6.29 -12.52 11.92
N MSE A 123 5.91 -11.31 11.53
CA MSE A 123 6.82 -10.18 11.53
C MSE A 123 6.08 -9.00 12.14
O MSE A 123 4.93 -8.72 11.78
CB MSE A 123 7.29 -9.83 10.11
CG MSE A 123 8.21 -8.60 10.06
SE MSE A 123 8.90 -8.10 8.29
CE MSE A 123 10.69 -8.77 8.46
N ALA A 124 6.74 -8.31 13.05
CA ALA A 124 6.16 -7.14 13.71
C ALA A 124 7.18 -6.02 13.64
N SER A 125 6.67 -4.79 13.52
CA SER A 125 7.55 -3.64 13.43
C SER A 125 6.89 -2.45 14.11
N LEU A 126 7.48 -1.27 13.95
CA LEU A 126 6.95 -0.07 14.57
C LEU A 126 7.12 1.13 13.64
N ALA A 127 6.50 2.25 14.02
CA ALA A 127 6.57 3.46 13.22
C ALA A 127 6.27 4.67 14.10
N VAL A 128 6.70 5.83 13.62
CA VAL A 128 6.49 7.06 14.35
C VAL A 128 5.71 8.04 13.48
N LYS A 129 5.01 8.95 14.13
CA LYS A 129 4.23 9.95 13.40
C LYS A 129 5.18 10.94 12.75
N ILE A 130 4.82 11.41 11.55
CA ILE A 130 5.64 12.39 10.86
C ILE A 130 5.15 13.78 11.26
N HIS A 131 6.07 14.66 11.62
CA HIS A 131 5.73 16.01 12.05
C HIS A 131 6.23 17.07 11.07
N ASP A 132 7.19 16.71 10.24
CA ASP A 132 7.76 17.60 9.25
C ASP A 132 7.37 17.18 7.83
N ALA A 133 6.81 18.11 7.07
CA ALA A 133 6.37 17.79 5.71
C ALA A 133 7.51 17.35 4.79
N GLU A 134 8.70 17.89 5.01
CA GLU A 134 9.86 17.52 4.19
C GLU A 134 10.11 16.02 4.19
N GLU A 135 9.79 15.36 5.30
CA GLU A 135 9.98 13.91 5.42
C GLU A 135 9.18 13.13 4.39
N LEU A 136 7.95 13.55 4.14
CA LEU A 136 7.10 12.86 3.18
C LEU A 136 7.72 12.75 1.80
N PHE A 137 8.48 13.77 1.40
CA PHE A 137 9.09 13.77 0.10
C PHE A 137 10.56 13.40 0.10
N ASN A 138 11.06 13.00 1.27
CA ASN A 138 12.44 12.58 1.42
C ASN A 138 12.42 11.06 1.15
N PRO A 139 12.95 10.62 0.00
CA PRO A 139 13.00 9.21 -0.40
C PRO A 139 13.72 8.32 0.60
N ASN A 140 14.51 8.94 1.48
CA ASN A 140 15.23 8.15 2.45
C ASN A 140 14.42 7.93 3.72
N ALA A 141 13.27 8.58 3.81
CA ALA A 141 12.38 8.38 4.94
C ALA A 141 11.31 7.42 4.40
N VAL A 142 11.24 6.23 4.98
CA VAL A 142 10.27 5.23 4.51
C VAL A 142 8.90 5.43 5.14
N LYS A 143 7.90 5.62 4.30
CA LYS A 143 6.55 5.81 4.78
C LYS A 143 5.80 4.49 4.84
N VAL A 144 4.90 4.40 5.81
CA VAL A 144 4.09 3.21 5.97
C VAL A 144 2.70 3.60 6.41
N LEU A 145 1.73 2.75 6.10
CA LEU A 145 0.35 2.95 6.52
C LEU A 145 -0.23 1.57 6.75
N THR A 146 -1.18 1.51 7.68
CA THR A 146 -1.80 0.26 8.05
C THR A 146 -3.34 0.32 7.96
N ASP A 147 -3.98 -0.80 8.29
CA ASP A 147 -5.42 -0.87 8.29
C ASP A 147 -5.81 -0.46 9.71
N LYS A 148 -7.09 -0.50 10.04
CA LYS A 148 -7.52 -0.09 11.37
C LYS A 148 -6.83 -0.81 12.54
N ASP A 149 -6.31 -2.00 12.30
CA ASP A 149 -5.65 -2.76 13.37
C ASP A 149 -4.13 -2.67 13.42
N GLY A 150 -3.52 -2.04 12.42
CA GLY A 150 -2.08 -1.91 12.42
C GLY A 150 -1.36 -2.81 11.44
N TYR A 151 -2.13 -3.61 10.69
CA TYR A 151 -1.56 -4.52 9.70
C TYR A 151 -1.17 -3.68 8.50
N VAL A 152 0.10 -3.72 8.13
CA VAL A 152 0.61 -2.92 7.02
C VAL A 152 -0.06 -3.14 5.67
N LEU A 153 -0.30 -2.05 4.97
CA LEU A 153 -0.89 -2.09 3.63
C LEU A 153 0.27 -2.00 2.66
N TYR A 154 1.21 -1.10 2.94
CA TYR A 154 2.37 -0.94 2.08
C TYR A 154 3.45 -0.08 2.73
N PHE A 155 4.69 -0.27 2.28
CA PHE A 155 5.85 0.52 2.74
C PHE A 155 6.35 1.15 1.45
N SER A 156 6.87 2.37 1.50
CA SER A 156 7.37 2.99 0.28
C SER A 156 8.24 4.21 0.55
N ARG A 157 9.11 4.51 -0.40
CA ARG A 157 9.98 5.67 -0.28
C ARG A 157 9.18 6.82 -0.88
N SER A 158 8.07 6.49 -1.54
CA SER A 158 7.19 7.51 -2.11
C SER A 158 6.20 7.85 -1.01
N VAL A 159 5.66 9.06 -1.05
CA VAL A 159 4.69 9.48 -0.05
C VAL A 159 3.38 8.71 -0.19
N ILE A 160 2.94 8.13 0.92
CA ILE A 160 1.69 7.40 1.01
C ILE A 160 1.24 7.60 2.45
N PRO A 161 -0.05 7.88 2.65
CA PRO A 161 -1.05 8.01 1.58
C PRO A 161 -0.89 9.29 0.78
N TYR A 162 -1.41 9.28 -0.45
CA TYR A 162 -1.37 10.43 -1.35
C TYR A 162 -2.59 11.32 -1.06
N ASP A 163 -2.34 12.61 -0.77
CA ASP A 163 -3.43 13.54 -0.49
C ASP A 163 -3.77 14.25 -1.81
N ARG A 164 -4.82 13.77 -2.47
CA ARG A 164 -5.22 14.31 -3.76
C ARG A 164 -5.39 15.82 -3.79
N ASP A 165 -6.29 16.35 -2.96
CA ASP A 165 -6.52 17.78 -2.93
C ASP A 165 -5.28 18.63 -2.64
N GLN A 166 -4.52 18.29 -1.59
CA GLN A 166 -3.33 19.06 -1.24
C GLN A 166 -2.13 18.92 -2.16
N PHE A 167 -1.90 17.73 -2.70
CA PHE A 167 -0.75 17.52 -3.55
C PHE A 167 -1.00 17.90 -5.01
N MSE A 168 -2.22 18.27 -5.33
CA MSE A 168 -2.54 18.66 -6.71
C MSE A 168 -1.80 19.96 -6.97
O MSE A 168 -2.31 21.04 -6.69
CB MSE A 168 -4.04 18.86 -6.88
CG MSE A 168 -4.47 18.90 -8.35
SE MSE A 168 -6.33 19.35 -8.58
CE MSE A 168 -6.12 21.21 -9.02
N ASN A 169 -0.60 19.83 -7.50
CA ASN A 169 0.24 20.99 -7.79
C ASN A 169 0.56 21.74 -6.51
N LEU A 170 1.34 21.12 -5.63
CA LEU A 170 1.72 21.79 -4.41
C LEU A 170 3.02 22.52 -4.73
N GLN A 171 2.99 23.84 -4.59
CA GLN A 171 4.15 24.66 -4.88
C GLN A 171 4.90 25.08 -3.61
N ASP A 172 4.65 24.37 -2.52
CA ASP A 172 5.31 24.68 -1.26
C ASP A 172 5.02 23.65 -0.18
N VAL A 173 6.04 22.84 0.13
CA VAL A 173 5.94 21.80 1.13
C VAL A 173 5.47 22.32 2.48
N GLN A 174 5.65 23.63 2.70
CA GLN A 174 5.29 24.24 3.96
C GLN A 174 3.79 24.41 4.20
N LYS A 175 3.01 24.28 3.14
CA LYS A 175 1.56 24.42 3.26
C LYS A 175 0.89 23.09 3.59
N VAL A 176 1.67 22.01 3.49
CA VAL A 176 1.13 20.67 3.73
C VAL A 176 0.69 20.39 5.16
N GLN A 177 -0.60 20.13 5.30
CA GLN A 177 -1.20 19.80 6.58
C GLN A 177 -1.11 18.28 6.65
N LEU A 178 -0.46 17.78 7.70
CA LEU A 178 -0.27 16.35 7.85
C LEU A 178 -1.51 15.59 8.32
N SER A 179 -2.37 16.24 9.09
CA SER A 179 -3.59 15.62 9.61
C SER A 179 -3.32 14.31 10.31
N ASP A 180 -2.07 14.09 10.71
CA ASP A 180 -1.69 12.86 11.41
C ASP A 180 -1.93 11.61 10.55
N ALA A 181 -1.95 11.80 9.24
CA ALA A 181 -2.18 10.69 8.32
C ALA A 181 -0.89 10.00 7.92
N TYR A 182 0.25 10.53 8.35
CA TYR A 182 1.53 9.97 7.94
C TYR A 182 2.44 9.35 9.00
N LEU A 183 3.03 8.22 8.64
CA LEU A 183 3.93 7.50 9.53
C LEU A 183 5.26 7.22 8.86
N ARG A 184 6.33 7.26 9.66
CA ARG A 184 7.66 6.97 9.17
C ARG A 184 8.01 5.62 9.76
N HIS A 185 8.43 4.70 8.91
CA HIS A 185 8.79 3.38 9.37
C HIS A 185 10.16 3.41 10.04
N ILE A 186 10.27 2.75 11.17
CA ILE A 186 11.53 2.66 11.91
C ILE A 186 12.10 1.26 11.69
N GLY A 187 13.40 1.21 11.37
CA GLY A 187 14.07 -0.05 11.09
C GLY A 187 14.31 -0.97 12.26
N ILE A 188 13.25 -1.62 12.72
CA ILE A 188 13.35 -2.56 13.83
C ILE A 188 12.27 -3.60 13.59
N TYR A 189 12.68 -4.86 13.53
CA TYR A 189 11.72 -5.94 13.30
C TYR A 189 11.80 -7.02 14.36
N ALA A 190 10.68 -7.69 14.56
CA ALA A 190 10.62 -8.80 15.50
C ALA A 190 10.11 -9.96 14.66
N TYR A 191 10.75 -11.12 14.80
CA TYR A 191 10.34 -12.30 14.08
C TYR A 191 11.12 -13.50 14.57
N ARG A 192 10.44 -14.64 14.68
CA ARG A 192 11.07 -15.86 15.13
C ARG A 192 12.14 -16.33 14.15
N ALA A 193 13.17 -17.00 14.68
CA ALA A 193 14.27 -17.50 13.88
C ALA A 193 13.77 -18.34 12.71
N GLY A 194 12.70 -19.10 12.96
CA GLY A 194 12.15 -19.94 11.90
C GLY A 194 11.61 -19.15 10.72
N PHE A 195 11.04 -17.98 11.00
CA PHE A 195 10.49 -17.15 9.93
C PHE A 195 11.63 -16.52 9.13
N ILE A 196 12.72 -16.17 9.82
CA ILE A 196 13.88 -15.59 9.16
C ILE A 196 14.43 -16.60 8.14
N LYS A 197 14.44 -17.88 8.51
CA LYS A 197 14.91 -18.93 7.62
C LYS A 197 13.96 -19.05 6.43
N GLN A 198 12.68 -18.78 6.69
CA GLN A 198 11.66 -18.82 5.65
C GLN A 198 11.89 -17.69 4.65
N TYR A 199 12.21 -16.52 5.20
CA TYR A 199 12.47 -15.33 4.39
C TYR A 199 13.50 -15.58 3.29
N VAL A 200 14.66 -16.10 3.67
CA VAL A 200 15.72 -16.36 2.69
C VAL A 200 15.44 -17.57 1.81
N GLN A 201 14.31 -18.22 2.04
CA GLN A 201 13.91 -19.35 1.23
C GLN A 201 13.10 -18.81 0.06
N TRP A 202 12.46 -17.66 0.26
CA TRP A 202 11.67 -17.01 -0.79
C TRP A 202 12.63 -16.30 -1.72
N ALA A 203 12.37 -16.34 -3.01
CA ALA A 203 13.23 -15.68 -3.99
C ALA A 203 13.16 -14.17 -3.83
N PRO A 204 14.25 -13.45 -4.17
CA PRO A 204 14.23 -11.99 -4.04
C PRO A 204 13.15 -11.47 -4.98
N THR A 205 12.37 -10.50 -4.52
CA THR A 205 11.27 -9.96 -5.32
C THR A 205 11.59 -8.67 -6.10
N GLN A 206 10.89 -8.47 -7.21
CA GLN A 206 11.07 -7.27 -8.03
C GLN A 206 10.74 -6.06 -7.17
N LEU A 207 9.75 -6.23 -6.30
CA LEU A 207 9.28 -5.19 -5.41
C LEU A 207 10.34 -4.66 -4.47
N GLU A 208 11.02 -5.57 -3.76
CA GLU A 208 12.05 -5.16 -2.84
C GLU A 208 13.26 -4.64 -3.63
N ASN A 209 13.49 -5.19 -4.82
CA ASN A 209 14.62 -4.75 -5.62
C ASN A 209 14.49 -3.30 -6.09
N LEU A 210 13.25 -2.90 -6.40
CA LEU A 210 13.01 -1.53 -6.85
C LEU A 210 13.00 -0.53 -5.70
N GLU A 211 12.14 -0.77 -4.73
CA GLU A 211 12.02 0.13 -3.57
C GLU A 211 13.25 0.09 -2.66
N LYS A 212 14.00 -1.00 -2.70
CA LYS A 212 15.16 -1.18 -1.83
C LYS A 212 14.65 -1.24 -0.38
N LEU A 213 13.68 -2.12 -0.15
CA LEU A 213 13.10 -2.33 1.18
C LEU A 213 12.91 -3.83 1.38
N GLU A 214 13.76 -4.41 2.22
CA GLU A 214 13.73 -5.84 2.49
C GLU A 214 12.36 -6.36 2.97
N GLN A 215 11.64 -5.56 3.74
CA GLN A 215 10.35 -6.02 4.25
C GLN A 215 9.29 -6.27 3.16
N LEU A 216 9.50 -5.75 1.96
CA LEU A 216 8.53 -5.96 0.90
C LEU A 216 8.48 -7.41 0.42
N ARG A 217 9.53 -8.17 0.67
CA ARG A 217 9.55 -9.58 0.26
C ARG A 217 8.49 -10.34 1.05
N VAL A 218 8.31 -9.96 2.31
CA VAL A 218 7.31 -10.59 3.17
C VAL A 218 5.88 -10.29 2.72
N LEU A 219 5.62 -9.03 2.39
CA LEU A 219 4.30 -8.61 1.93
C LEU A 219 3.96 -9.29 0.61
N TYR A 220 4.91 -9.30 -0.33
CA TYR A 220 4.68 -9.89 -1.62
C TYR A 220 4.38 -11.39 -1.55
N ASN A 221 4.86 -12.04 -0.50
CA ASN A 221 4.60 -13.45 -0.37
C ASN A 221 3.36 -13.77 0.44
N GLY A 222 2.46 -12.79 0.55
CA GLY A 222 1.20 -12.95 1.25
C GLY A 222 1.24 -13.00 2.76
N GLU A 223 2.34 -12.56 3.35
CA GLU A 223 2.48 -12.57 4.79
C GLU A 223 2.02 -11.22 5.34
N ARG A 224 1.57 -11.20 6.59
CA ARG A 224 1.12 -9.95 7.18
C ARG A 224 2.20 -9.36 8.06
N ILE A 225 2.23 -8.04 8.15
CA ILE A 225 3.20 -7.34 8.98
C ILE A 225 2.44 -6.39 9.89
N HIS A 226 2.72 -6.44 11.19
CA HIS A 226 2.05 -5.53 12.10
C HIS A 226 2.97 -4.41 12.53
N VAL A 227 2.45 -3.20 12.50
CA VAL A 227 3.22 -2.04 12.90
C VAL A 227 2.54 -1.30 14.05
N GLU A 228 3.33 -0.91 15.05
CA GLU A 228 2.85 -0.17 16.22
C GLU A 228 3.31 1.28 16.08
N LEU A 229 2.41 2.21 16.42
CA LEU A 229 2.74 3.62 16.36
C LEU A 229 3.37 3.94 17.71
N ALA A 230 4.60 4.44 17.69
CA ALA A 230 5.31 4.76 18.93
C ALA A 230 5.53 6.27 19.09
N LYS A 231 5.58 6.73 20.34
CA LYS A 231 5.81 8.14 20.63
C LYS A 231 7.30 8.42 20.77
N GLU A 232 7.80 9.44 20.08
CA GLU A 232 9.22 9.77 20.20
C GLU A 232 9.51 10.35 21.57
N VAL A 233 10.51 9.80 22.25
CA VAL A 233 10.89 10.28 23.57
C VAL A 233 12.33 10.76 23.59
N PRO A 234 12.64 11.79 24.40
CA PRO A 234 14.02 12.30 24.48
C PRO A 234 15.01 11.16 24.67
N ALA A 235 16.25 11.36 24.25
CA ALA A 235 17.28 10.34 24.39
C ALA A 235 17.22 9.72 25.79
N VAL A 236 16.75 8.48 25.88
CA VAL A 236 16.63 7.79 27.16
C VAL A 236 17.65 6.65 27.34
N GLY A 237 18.56 6.84 28.30
CA GLY A 237 19.57 5.84 28.57
C GLY A 237 20.72 5.89 27.59
N VAL A 238 21.03 7.08 27.10
CA VAL A 238 22.11 7.26 26.14
C VAL A 238 23.48 6.96 26.75
N ASP A 239 23.76 7.53 27.92
CA ASP A 239 25.04 7.31 28.61
C ASP A 239 24.84 7.10 30.11
N THR A 240 25.88 6.58 30.76
CA THR A 240 25.87 6.37 32.20
C THR A 240 27.01 7.24 32.76
N ALA A 241 26.97 7.52 34.06
CA ALA A 241 27.99 8.35 34.69
C ALA A 241 29.38 7.87 34.30
N GLU A 242 29.54 6.55 34.31
CA GLU A 242 30.81 5.92 33.95
C GLU A 242 31.23 6.23 32.52
N ASP A 243 30.32 6.05 31.57
CA ASP A 243 30.62 6.33 30.16
C ASP A 243 31.08 7.78 29.99
N LEU A 244 30.40 8.70 30.67
CA LEU A 244 30.73 10.11 30.58
C LEU A 244 32.07 10.48 31.21
N GLU A 245 32.44 9.81 32.30
CA GLU A 245 33.72 10.09 32.95
C GLU A 245 34.85 9.69 32.00
N LYS A 246 34.63 8.59 31.27
CA LYS A 246 35.59 8.09 30.31
C LYS A 246 35.77 9.12 29.19
N VAL A 247 34.66 9.67 28.72
CA VAL A 247 34.68 10.68 27.68
C VAL A 247 35.46 11.89 28.20
N ARG A 248 35.10 12.37 29.39
CA ARG A 248 35.80 13.52 29.96
C ARG A 248 37.27 13.17 30.20
N ALA A 249 37.52 11.90 30.52
CA ALA A 249 38.86 11.41 30.79
C ALA A 249 39.76 11.55 29.56
N ILE A 250 39.20 11.27 28.39
CA ILE A 250 39.96 11.38 27.15
C ILE A 250 40.27 12.85 26.89
N LEU A 251 39.22 13.67 26.97
CA LEU A 251 39.34 15.11 26.73
C LEU A 251 40.32 15.77 27.69
N ALA A 252 40.26 15.40 28.96
CA ALA A 252 41.15 15.97 29.97
C ALA A 252 42.63 15.70 29.68
N ALA A 253 42.92 14.55 29.07
CA ALA A 253 44.30 14.22 28.73
C ALA A 253 44.76 15.06 27.54
N ASN A 254 44.37 16.33 27.55
CA ASN A 254 44.72 17.28 26.50
C ASN A 254 44.81 18.69 27.06
N MSE B 1 -21.81 -17.60 -11.05
CA MSE B 1 -21.50 -17.06 -12.37
C MSE B 1 -22.42 -15.89 -12.70
O MSE B 1 -21.94 -14.77 -12.90
CB MSE B 1 -21.67 -18.14 -13.45
CG MSE B 1 -21.20 -17.73 -14.87
SE MSE B 1 -22.12 -16.22 -15.71
CE MSE B 1 -23.71 -17.15 -16.34
N SER B 2 -23.72 -16.17 -12.75
CA SER B 2 -24.75 -15.17 -13.05
C SER B 2 -24.50 -13.87 -12.28
N PHE B 3 -24.79 -12.73 -12.92
CA PHE B 3 -24.57 -11.44 -12.29
C PHE B 3 -25.36 -10.31 -12.94
N THR B 4 -25.45 -9.19 -12.22
CA THR B 4 -26.14 -8.00 -12.72
C THR B 4 -25.19 -6.80 -12.65
N VAL B 5 -25.20 -5.98 -13.68
CA VAL B 5 -24.34 -4.82 -13.74
C VAL B 5 -25.04 -3.54 -13.35
N ILE B 6 -24.38 -2.75 -12.49
CA ILE B 6 -24.92 -1.47 -12.08
C ILE B 6 -23.86 -0.44 -12.43
N ILE B 7 -24.28 0.58 -13.18
CA ILE B 7 -23.38 1.63 -13.63
C ILE B 7 -23.65 2.95 -12.93
N PRO B 8 -22.75 3.34 -12.00
CA PRO B 8 -22.94 4.60 -11.29
C PRO B 8 -22.57 5.76 -12.21
N ALA B 9 -23.49 6.70 -12.41
CA ALA B 9 -23.25 7.82 -13.30
C ALA B 9 -23.56 9.19 -12.68
N ARG B 10 -22.75 9.59 -11.71
CA ARG B 10 -22.94 10.88 -11.06
C ARG B 10 -22.81 11.97 -12.12
N PHE B 11 -23.69 12.97 -12.05
CA PHE B 11 -23.65 14.05 -13.03
C PHE B 11 -22.54 15.04 -12.72
N ALA B 12 -22.60 15.65 -11.55
CA ALA B 12 -21.61 16.62 -11.13
C ALA B 12 -20.20 16.05 -11.17
N SER B 13 -19.25 16.89 -11.58
CA SER B 13 -17.85 16.50 -11.68
C SER B 13 -17.02 17.75 -11.92
N SER B 14 -16.09 18.02 -11.01
CA SER B 14 -15.22 19.18 -11.13
C SER B 14 -14.46 19.14 -12.44
N ARG B 15 -13.71 18.07 -12.62
CA ARG B 15 -12.89 17.89 -13.82
C ARG B 15 -13.67 17.89 -15.14
N LEU B 16 -14.70 17.07 -15.24
CA LEU B 16 -15.51 17.01 -16.46
C LEU B 16 -16.97 17.35 -16.20
N PRO B 17 -17.41 18.54 -16.62
CA PRO B 17 -18.80 18.99 -16.44
C PRO B 17 -19.78 18.13 -17.25
N GLY B 18 -20.81 17.61 -16.59
CA GLY B 18 -21.78 16.79 -17.29
C GLY B 18 -21.14 15.50 -17.78
N LYS B 19 -20.04 15.14 -17.13
CA LYS B 19 -19.24 13.95 -17.43
C LYS B 19 -19.97 12.76 -18.09
N PRO B 20 -20.96 12.16 -17.41
CA PRO B 20 -21.68 11.02 -17.98
C PRO B 20 -22.32 11.22 -19.36
N LEU B 21 -22.67 12.47 -19.68
CA LEU B 21 -23.27 12.78 -20.96
C LEU B 21 -22.26 13.29 -21.97
N ALA B 22 -20.98 13.27 -21.59
CA ALA B 22 -19.92 13.72 -22.49
C ALA B 22 -20.03 12.96 -23.80
N ASP B 23 -20.01 13.68 -24.92
CA ASP B 23 -20.14 13.04 -26.23
C ASP B 23 -18.91 12.30 -26.74
N ILE B 24 -19.14 11.10 -27.26
CA ILE B 24 -18.07 10.27 -27.83
C ILE B 24 -18.59 9.59 -29.10
N LYS B 25 -18.32 10.21 -30.24
CA LYS B 25 -18.75 9.69 -31.54
C LYS B 25 -20.27 9.58 -31.69
N GLY B 26 -20.99 10.61 -31.26
CA GLY B 26 -22.43 10.61 -31.38
C GLY B 26 -23.26 10.07 -30.23
N LYS B 27 -22.60 9.53 -29.20
CA LYS B 27 -23.32 8.98 -28.05
C LYS B 27 -22.74 9.46 -26.74
N PRO B 28 -23.59 9.64 -25.71
CA PRO B 28 -23.04 10.09 -24.44
C PRO B 28 -22.18 8.95 -23.88
N MSE B 29 -21.17 9.29 -23.08
CA MSE B 29 -20.28 8.29 -22.53
C MSE B 29 -20.99 7.12 -21.86
O MSE B 29 -20.66 5.96 -22.13
CB MSE B 29 -19.31 8.94 -21.54
CG MSE B 29 -18.18 8.01 -21.12
SE MSE B 29 -16.81 8.88 -20.05
CE MSE B 29 -15.75 9.62 -21.48
N ILE B 30 -21.97 7.40 -21.01
CA ILE B 30 -22.67 6.32 -20.33
C ILE B 30 -23.29 5.28 -21.25
N GLN B 31 -23.72 5.70 -22.43
CA GLN B 31 -24.33 4.76 -23.39
C GLN B 31 -23.33 3.70 -23.84
N HIS B 32 -22.07 4.10 -23.99
CA HIS B 32 -21.04 3.16 -24.41
C HIS B 32 -20.86 2.11 -23.33
N VAL B 33 -20.78 2.56 -22.09
CA VAL B 33 -20.59 1.64 -20.97
C VAL B 33 -21.78 0.70 -20.91
N PHE B 34 -22.97 1.27 -21.16
CA PHE B 34 -24.20 0.50 -21.14
C PHE B 34 -24.26 -0.58 -22.20
N GLU B 35 -24.11 -0.19 -23.46
CA GLU B 35 -24.16 -1.14 -24.55
C GLU B 35 -23.08 -2.20 -24.40
N LYS B 36 -22.01 -1.83 -23.71
CA LYS B 36 -20.89 -2.73 -23.47
C LYS B 36 -21.34 -3.78 -22.46
N ALA B 37 -21.99 -3.34 -21.40
CA ALA B 37 -22.48 -4.20 -20.34
C ALA B 37 -23.54 -5.19 -20.87
N LEU B 38 -24.29 -4.76 -21.88
CA LEU B 38 -25.32 -5.62 -22.46
C LEU B 38 -24.71 -6.89 -23.05
N GLN B 39 -23.55 -6.76 -23.69
CA GLN B 39 -22.89 -7.90 -24.29
C GLN B 39 -22.02 -8.65 -23.31
N SER B 40 -21.98 -8.19 -22.06
CA SER B 40 -21.16 -8.82 -21.05
C SER B 40 -21.72 -10.17 -20.64
N GLY B 41 -23.03 -10.32 -20.74
CA GLY B 41 -23.67 -11.57 -20.36
C GLY B 41 -24.40 -11.39 -19.04
N ALA B 42 -24.48 -10.15 -18.57
CA ALA B 42 -25.16 -9.83 -17.32
C ALA B 42 -26.65 -10.10 -17.50
N SER B 43 -27.34 -10.38 -16.39
CA SER B 43 -28.76 -10.66 -16.39
C SER B 43 -29.60 -9.39 -16.35
N ARG B 44 -29.01 -8.32 -15.84
CA ARG B 44 -29.70 -7.05 -15.72
C ARG B 44 -28.68 -5.90 -15.71
N VAL B 45 -28.99 -4.82 -16.41
CA VAL B 45 -28.10 -3.67 -16.45
C VAL B 45 -28.85 -2.45 -15.94
N ILE B 46 -28.33 -1.85 -14.87
CA ILE B 46 -28.97 -0.68 -14.27
C ILE B 46 -28.04 0.53 -14.22
N ILE B 47 -28.52 1.67 -14.73
CA ILE B 47 -27.73 2.91 -14.68
C ILE B 47 -28.16 3.66 -13.42
N ALA B 48 -27.27 3.72 -12.44
CA ALA B 48 -27.59 4.42 -11.21
C ALA B 48 -27.09 5.85 -11.35
N THR B 49 -28.01 6.81 -11.25
CA THR B 49 -27.65 8.21 -11.39
C THR B 49 -28.36 9.07 -10.36
N ASP B 50 -28.00 10.36 -10.32
CA ASP B 50 -28.57 11.30 -9.35
C ASP B 50 -29.06 12.57 -10.07
N ASN B 51 -29.20 12.48 -11.38
CA ASN B 51 -29.63 13.63 -12.18
C ASN B 51 -30.78 13.22 -13.10
N GLU B 52 -31.83 14.05 -13.12
CA GLU B 52 -33.00 13.81 -13.94
C GLU B 52 -32.67 13.79 -15.42
N ASN B 53 -31.79 14.68 -15.84
CA ASN B 53 -31.39 14.76 -17.24
C ASN B 53 -30.69 13.47 -17.67
N VAL B 54 -29.78 12.98 -16.85
CA VAL B 54 -29.06 11.75 -17.17
C VAL B 54 -30.03 10.58 -17.25
N ALA B 55 -31.03 10.59 -16.37
CA ALA B 55 -32.04 9.55 -16.34
C ALA B 55 -32.83 9.51 -17.66
N ASP B 56 -33.24 10.67 -18.15
CA ASP B 56 -33.98 10.73 -19.40
C ASP B 56 -33.16 10.16 -20.56
N VAL B 57 -31.93 10.65 -20.70
CA VAL B 57 -31.06 10.17 -21.77
C VAL B 57 -30.86 8.67 -21.66
N ALA B 58 -30.60 8.18 -20.45
CA ALA B 58 -30.40 6.75 -20.25
C ALA B 58 -31.67 5.97 -20.62
N LYS B 59 -32.83 6.56 -20.40
CA LYS B 59 -34.07 5.89 -20.75
C LYS B 59 -34.28 5.95 -22.26
N SER B 60 -33.87 7.06 -22.86
CA SER B 60 -34.02 7.24 -24.30
C SER B 60 -33.26 6.15 -25.05
N PHE B 61 -32.20 5.61 -24.46
CA PHE B 61 -31.49 4.56 -25.15
C PHE B 61 -31.77 3.16 -24.63
N GLY B 62 -32.93 3.01 -23.98
CA GLY B 62 -33.37 1.72 -23.49
C GLY B 62 -32.74 1.17 -22.22
N ALA B 63 -32.16 2.02 -21.40
CA ALA B 63 -31.52 1.52 -20.19
C ALA B 63 -32.45 1.65 -18.99
N GLU B 64 -32.45 0.60 -18.16
CA GLU B 64 -33.25 0.65 -16.95
C GLU B 64 -32.45 1.59 -16.03
N VAL B 65 -33.11 2.55 -15.39
CA VAL B 65 -32.39 3.45 -14.51
C VAL B 65 -33.00 3.55 -13.11
N CYS B 66 -32.12 3.64 -12.11
CA CYS B 66 -32.53 3.78 -10.74
C CYS B 66 -32.02 5.13 -10.24
N MSE B 67 -32.92 5.96 -9.75
CA MSE B 67 -32.52 7.27 -9.26
C MSE B 67 -31.93 7.07 -7.87
O MSE B 67 -32.45 6.27 -7.09
CB MSE B 67 -33.72 8.20 -9.20
CG MSE B 67 -33.36 9.69 -9.15
SE MSE B 67 -32.50 10.33 -10.78
CE MSE B 67 -33.52 9.30 -12.04
N THR B 68 -30.86 7.80 -7.57
CA THR B 68 -30.20 7.71 -6.27
C THR B 68 -29.86 9.08 -5.71
N SER B 69 -29.61 9.13 -4.40
CA SER B 69 -29.29 10.37 -3.72
C SER B 69 -28.02 11.07 -4.20
N VAL B 70 -28.12 12.38 -4.39
CA VAL B 70 -26.97 13.18 -4.81
C VAL B 70 -25.98 13.33 -3.65
N ASN B 71 -26.37 12.86 -2.46
CA ASN B 71 -25.54 12.94 -1.26
C ASN B 71 -24.44 11.89 -1.17
N HIS B 72 -24.46 10.90 -2.05
CA HIS B 72 -23.43 9.87 -2.01
C HIS B 72 -22.08 10.39 -2.45
N ASN B 73 -21.03 9.85 -1.86
CA ASN B 73 -19.67 10.26 -2.18
C ASN B 73 -18.94 9.36 -3.15
N SER B 74 -19.56 8.22 -3.50
CA SER B 74 -18.97 7.26 -4.45
C SER B 74 -20.03 6.31 -5.04
N GLY B 75 -19.65 5.64 -6.13
CA GLY B 75 -20.55 4.70 -6.79
C GLY B 75 -20.93 3.55 -5.87
N THR B 76 -19.97 3.06 -5.09
CA THR B 76 -20.25 1.96 -4.19
C THR B 76 -21.35 2.35 -3.20
N GLU B 77 -21.29 3.58 -2.68
CA GLU B 77 -22.32 4.06 -1.74
C GLU B 77 -23.67 4.17 -2.46
N ARG B 78 -23.60 4.59 -3.73
CA ARG B 78 -24.78 4.75 -4.57
C ARG B 78 -25.43 3.39 -4.85
N LEU B 79 -24.60 2.40 -5.17
CA LEU B 79 -25.09 1.05 -5.44
C LEU B 79 -25.70 0.41 -4.20
N ALA B 80 -25.28 0.85 -3.03
CA ALA B 80 -25.81 0.32 -1.77
C ALA B 80 -27.29 0.65 -1.75
N GLU B 81 -27.62 1.85 -2.23
CA GLU B 81 -29.00 2.31 -2.27
C GLU B 81 -29.78 1.58 -3.36
N VAL B 82 -29.15 1.33 -4.50
CA VAL B 82 -29.83 0.64 -5.58
C VAL B 82 -30.18 -0.79 -5.15
N VAL B 83 -29.20 -1.45 -4.55
CA VAL B 83 -29.38 -2.83 -4.07
C VAL B 83 -30.55 -2.90 -3.08
N GLU B 84 -30.66 -1.91 -2.22
CA GLU B 84 -31.73 -1.90 -1.23
C GLU B 84 -33.06 -1.53 -1.88
N LYS B 85 -33.05 -0.47 -2.68
CA LYS B 85 -34.23 0.01 -3.38
C LYS B 85 -34.91 -1.09 -4.20
N LEU B 86 -34.10 -1.80 -4.99
CA LEU B 86 -34.60 -2.87 -5.86
C LEU B 86 -34.58 -4.25 -5.22
N ALA B 87 -34.42 -4.30 -3.91
CA ALA B 87 -34.39 -5.56 -3.18
C ALA B 87 -33.63 -6.66 -3.92
N ILE B 88 -32.35 -6.40 -4.22
CA ILE B 88 -31.55 -7.41 -4.90
C ILE B 88 -30.96 -8.28 -3.81
N PRO B 89 -31.11 -9.62 -3.94
CA PRO B 89 -30.58 -10.58 -2.96
C PRO B 89 -29.12 -10.40 -2.61
N ASP B 90 -28.79 -10.61 -1.33
CA ASP B 90 -27.42 -10.45 -0.85
C ASP B 90 -26.39 -11.29 -1.59
N ASN B 91 -26.80 -12.48 -2.03
CA ASN B 91 -25.91 -13.39 -2.73
C ASN B 91 -25.70 -13.05 -4.19
N GLU B 92 -26.55 -12.18 -4.72
CA GLU B 92 -26.43 -11.79 -6.13
C GLU B 92 -25.11 -11.07 -6.38
N ILE B 93 -24.40 -11.47 -7.44
CA ILE B 93 -23.13 -10.82 -7.76
C ILE B 93 -23.39 -9.53 -8.53
N ILE B 94 -22.76 -8.46 -8.09
CA ILE B 94 -22.90 -7.19 -8.78
C ILE B 94 -21.54 -6.76 -9.32
N VAL B 95 -21.54 -6.32 -10.56
CA VAL B 95 -20.32 -5.84 -11.18
C VAL B 95 -20.60 -4.37 -11.43
N ASN B 96 -19.82 -3.51 -10.79
CA ASN B 96 -19.94 -2.07 -10.89
C ASN B 96 -18.96 -1.63 -11.95
N ILE B 97 -19.50 -1.17 -13.08
CA ILE B 97 -18.67 -0.67 -14.16
C ILE B 97 -18.88 0.82 -14.01
N GLN B 98 -17.88 1.54 -13.50
CA GLN B 98 -18.04 2.98 -13.33
C GLN B 98 -18.39 3.65 -14.65
N GLY B 99 -19.28 4.64 -14.57
CA GLY B 99 -19.71 5.34 -15.76
C GLY B 99 -18.65 6.01 -16.61
N ASP B 100 -17.38 5.95 -16.19
CA ASP B 100 -16.32 6.58 -16.98
C ASP B 100 -15.33 5.59 -17.61
N GLU B 101 -15.77 4.35 -17.79
CA GLU B 101 -14.95 3.32 -18.43
C GLU B 101 -15.68 2.89 -19.70
N PRO B 102 -15.75 3.78 -20.70
CA PRO B 102 -16.43 3.49 -21.97
C PRO B 102 -15.78 2.50 -22.93
N LEU B 103 -14.56 2.04 -22.64
CA LEU B 103 -13.90 1.11 -23.55
C LEU B 103 -13.61 -0.27 -22.95
N ILE B 104 -14.19 -0.56 -21.79
CA ILE B 104 -13.96 -1.84 -21.14
C ILE B 104 -14.56 -2.98 -21.97
N PRO B 105 -13.73 -3.96 -22.39
CA PRO B 105 -14.20 -5.10 -23.19
C PRO B 105 -15.16 -5.95 -22.37
N PRO B 106 -16.26 -6.40 -22.99
CA PRO B 106 -17.27 -7.23 -22.33
C PRO B 106 -16.78 -8.50 -21.65
N VAL B 107 -15.78 -9.16 -22.23
CA VAL B 107 -15.29 -10.40 -21.65
C VAL B 107 -14.75 -10.27 -20.23
N ILE B 108 -14.11 -9.15 -19.93
CA ILE B 108 -13.55 -8.99 -18.58
C ILE B 108 -14.59 -8.78 -17.48
N VAL B 109 -15.79 -8.32 -17.85
CA VAL B 109 -16.85 -8.10 -16.86
C VAL B 109 -17.19 -9.46 -16.23
N ARG B 110 -17.34 -10.48 -17.09
CA ARG B 110 -17.66 -11.82 -16.62
C ARG B 110 -16.48 -12.37 -15.80
N GLN B 111 -15.27 -12.06 -16.23
CA GLN B 111 -14.08 -12.53 -15.54
C GLN B 111 -14.01 -12.06 -14.09
N VAL B 112 -14.29 -10.78 -13.87
CA VAL B 112 -14.24 -10.23 -12.51
C VAL B 112 -15.32 -10.83 -11.63
N ALA B 113 -16.50 -11.07 -12.20
CA ALA B 113 -17.59 -11.66 -11.44
C ALA B 113 -17.19 -13.07 -11.01
N ASP B 114 -16.46 -13.77 -11.87
CA ASP B 114 -16.02 -15.12 -11.54
C ASP B 114 -14.86 -15.13 -10.55
N ASN B 115 -14.07 -14.07 -10.55
CA ASN B 115 -12.93 -14.00 -9.64
C ASN B 115 -13.24 -14.03 -8.16
N LEU B 116 -14.50 -13.80 -7.77
CA LEU B 116 -14.87 -13.85 -6.34
C LEU B 116 -14.69 -15.27 -5.79
N ALA B 117 -15.21 -16.26 -6.51
CA ALA B 117 -15.11 -17.65 -6.09
C ALA B 117 -13.69 -18.15 -6.31
N LYS B 118 -13.14 -17.93 -7.49
CA LYS B 118 -11.79 -18.37 -7.81
C LYS B 118 -10.72 -17.98 -6.79
N PHE B 119 -10.78 -16.74 -6.32
CA PHE B 119 -9.77 -16.26 -5.38
C PHE B 119 -10.26 -16.07 -3.97
N ASN B 120 -11.52 -16.42 -3.73
CA ASN B 120 -12.09 -16.34 -2.39
C ASN B 120 -12.11 -14.96 -1.76
N VAL B 121 -12.65 -13.96 -2.46
CA VAL B 121 -12.72 -12.62 -1.89
C VAL B 121 -14.14 -12.10 -2.01
N ASN B 122 -14.46 -11.09 -1.20
CA ASN B 122 -15.77 -10.48 -1.20
C ASN B 122 -15.79 -9.35 -2.23
N MSE B 123 -14.61 -8.96 -2.71
CA MSE B 123 -14.47 -7.91 -3.71
C MSE B 123 -13.30 -8.20 -4.63
O MSE B 123 -12.22 -8.59 -4.18
CB MSE B 123 -14.27 -6.54 -3.06
CG MSE B 123 -14.02 -5.40 -4.07
SE MSE B 123 -13.59 -3.67 -3.26
CE MSE B 123 -15.10 -2.63 -3.84
N ALA B 124 -13.50 -8.00 -5.92
CA ALA B 124 -12.46 -8.23 -6.90
C ALA B 124 -12.50 -7.10 -7.91
N SER B 125 -11.36 -6.81 -8.52
CA SER B 125 -11.29 -5.75 -9.51
C SER B 125 -10.25 -6.13 -10.56
N LEU B 126 -9.98 -5.23 -11.49
CA LEU B 126 -9.01 -5.50 -12.56
C LEU B 126 -7.97 -4.41 -12.71
N ALA B 127 -6.98 -4.70 -13.54
CA ALA B 127 -5.90 -3.76 -13.82
C ALA B 127 -5.19 -4.07 -15.14
N VAL B 128 -4.62 -3.03 -15.74
CA VAL B 128 -3.86 -3.14 -16.97
C VAL B 128 -2.47 -2.61 -16.64
N LYS B 129 -1.47 -3.04 -17.40
CA LYS B 129 -0.12 -2.59 -17.15
C LYS B 129 0.07 -1.15 -17.58
N ILE B 130 1.05 -0.48 -16.98
CA ILE B 130 1.40 0.90 -17.32
C ILE B 130 2.75 0.79 -18.02
N HIS B 131 2.88 1.40 -19.19
CA HIS B 131 4.14 1.33 -19.92
C HIS B 131 4.88 2.65 -19.97
N ASP B 132 4.13 3.75 -19.90
CA ASP B 132 4.74 5.07 -19.97
C ASP B 132 4.83 5.79 -18.63
N ALA B 133 5.98 6.39 -18.38
CA ALA B 133 6.23 7.09 -17.14
C ALA B 133 5.23 8.24 -16.93
N GLU B 134 4.84 8.91 -18.00
CA GLU B 134 3.89 10.01 -17.88
C GLU B 134 2.62 9.55 -17.20
N GLU B 135 2.12 8.38 -17.60
CA GLU B 135 0.89 7.85 -17.01
C GLU B 135 1.10 7.46 -15.55
N LEU B 136 2.26 6.90 -15.23
CA LEU B 136 2.58 6.50 -13.87
C LEU B 136 2.61 7.71 -12.92
N PHE B 137 3.12 8.83 -13.42
CA PHE B 137 3.22 10.03 -12.61
C PHE B 137 1.94 10.86 -12.59
N ASN B 138 0.96 10.46 -13.38
CA ASN B 138 -0.31 11.16 -13.44
C ASN B 138 -1.15 10.77 -12.21
N PRO B 139 -1.48 11.76 -11.37
CA PRO B 139 -2.29 11.50 -10.17
C PRO B 139 -3.67 10.93 -10.48
N ASN B 140 -4.17 11.17 -11.69
CA ASN B 140 -5.48 10.67 -12.08
C ASN B 140 -5.43 9.19 -12.40
N ALA B 141 -4.22 8.68 -12.64
CA ALA B 141 -4.03 7.27 -12.93
C ALA B 141 -3.86 6.55 -11.60
N VAL B 142 -4.83 5.73 -11.21
CA VAL B 142 -4.71 5.03 -9.95
C VAL B 142 -3.83 3.81 -10.10
N LYS B 143 -2.80 3.74 -9.27
CA LYS B 143 -1.88 2.62 -9.29
C LYS B 143 -2.30 1.59 -8.25
N VAL B 144 -1.96 0.33 -8.52
CA VAL B 144 -2.29 -0.74 -7.60
C VAL B 144 -1.18 -1.79 -7.62
N LEU B 145 -0.92 -2.39 -6.47
CA LEU B 145 0.06 -3.44 -6.38
C LEU B 145 -0.51 -4.54 -5.50
N THR B 146 -0.23 -5.77 -5.89
CA THR B 146 -0.72 -6.96 -5.22
C THR B 146 0.44 -7.84 -4.75
N ASP B 147 0.11 -8.93 -4.05
CA ASP B 147 1.13 -9.86 -3.61
C ASP B 147 1.23 -10.90 -4.74
N LYS B 148 2.00 -11.96 -4.53
CA LYS B 148 2.18 -12.99 -5.54
C LYS B 148 0.87 -13.61 -6.03
N ASP B 149 -0.15 -13.62 -5.18
CA ASP B 149 -1.44 -14.20 -5.54
C ASP B 149 -2.47 -13.23 -6.10
N GLY B 150 -2.11 -11.95 -6.20
CA GLY B 150 -3.04 -10.97 -6.74
C GLY B 150 -3.76 -10.13 -5.69
N TYR B 151 -3.73 -10.57 -4.44
CA TYR B 151 -4.37 -9.83 -3.36
C TYR B 151 -3.70 -8.47 -3.22
N VAL B 152 -4.51 -7.43 -3.27
CA VAL B 152 -4.03 -6.06 -3.20
C VAL B 152 -3.31 -5.65 -1.92
N LEU B 153 -2.16 -5.02 -2.11
CA LEU B 153 -1.38 -4.49 -1.00
C LEU B 153 -1.92 -3.08 -0.76
N TYR B 154 -1.94 -2.28 -1.81
CA TYR B 154 -2.42 -0.90 -1.70
C TYR B 154 -2.83 -0.32 -3.06
N PHE B 155 -3.72 0.68 -3.01
CA PHE B 155 -4.18 1.40 -4.21
C PHE B 155 -3.74 2.82 -3.91
N SER B 156 -3.16 3.52 -4.89
CA SER B 156 -2.74 4.88 -4.62
C SER B 156 -2.54 5.72 -5.87
N ARG B 157 -2.63 7.04 -5.71
CA ARG B 157 -2.42 7.96 -6.83
C ARG B 157 -0.92 8.26 -6.88
N SER B 158 -0.24 7.85 -5.81
CA SER B 158 1.20 8.05 -5.66
C SER B 158 2.01 7.08 -6.51
N VAL B 159 3.26 7.44 -6.80
CA VAL B 159 4.14 6.62 -7.61
C VAL B 159 4.67 5.39 -6.88
N ILE B 160 4.01 4.26 -7.07
CA ILE B 160 4.42 3.02 -6.43
C ILE B 160 4.34 1.86 -7.40
N PRO B 161 5.31 0.93 -7.34
CA PRO B 161 6.44 0.97 -6.41
C PRO B 161 7.46 2.04 -6.82
N TYR B 162 8.19 2.55 -5.83
CA TYR B 162 9.21 3.56 -6.09
C TYR B 162 10.47 2.89 -6.62
N ASP B 163 10.97 3.36 -7.76
CA ASP B 163 12.19 2.82 -8.35
C ASP B 163 13.30 3.77 -7.83
N ARG B 164 13.92 3.38 -6.73
CA ARG B 164 14.93 4.20 -6.08
C ARG B 164 16.13 4.61 -6.92
N ASP B 165 16.79 3.62 -7.53
CA ASP B 165 17.97 3.91 -8.33
C ASP B 165 17.69 4.68 -9.62
N GLN B 166 16.45 4.68 -10.08
CA GLN B 166 16.16 5.41 -11.31
C GLN B 166 15.47 6.74 -11.07
N PHE B 167 14.63 6.81 -10.02
CA PHE B 167 13.87 8.02 -9.72
C PHE B 167 14.51 9.04 -8.77
N MSE B 168 15.23 8.57 -7.75
CA MSE B 168 15.81 9.49 -6.76
C MSE B 168 16.66 10.61 -7.34
O MSE B 168 16.50 11.76 -6.95
CB MSE B 168 16.62 8.69 -5.72
CG MSE B 168 17.09 9.54 -4.56
SE MSE B 168 17.68 8.50 -3.02
CE MSE B 168 19.38 7.88 -3.72
N ASN B 169 17.56 10.28 -8.24
CA ASN B 169 18.40 11.29 -8.85
C ASN B 169 18.08 11.41 -10.35
N LEU B 170 16.81 11.20 -10.67
CA LEU B 170 16.35 11.27 -12.06
C LEU B 170 16.72 12.61 -12.68
N GLN B 171 17.58 12.55 -13.69
CA GLN B 171 18.04 13.74 -14.39
C GLN B 171 17.05 14.23 -15.43
N ASP B 172 16.50 13.30 -16.21
CA ASP B 172 15.54 13.63 -17.26
C ASP B 172 14.34 12.67 -17.23
N VAL B 173 13.15 13.22 -17.01
CA VAL B 173 11.92 12.43 -16.94
C VAL B 173 11.55 11.73 -18.25
N GLN B 174 12.14 12.18 -19.35
CA GLN B 174 11.86 11.58 -20.65
C GLN B 174 12.75 10.38 -20.91
N LYS B 175 13.86 10.29 -20.18
CA LYS B 175 14.78 9.17 -20.33
C LYS B 175 14.35 8.06 -19.36
N VAL B 176 13.12 8.15 -18.86
CA VAL B 176 12.61 7.16 -17.93
C VAL B 176 12.06 5.92 -18.63
N GLN B 177 12.56 4.76 -18.23
CA GLN B 177 12.12 3.49 -18.78
C GLN B 177 11.62 2.65 -17.60
N LEU B 178 10.30 2.58 -17.47
CA LEU B 178 9.70 1.82 -16.38
C LEU B 178 9.98 0.33 -16.48
N SER B 179 10.06 -0.32 -15.33
CA SER B 179 10.26 -1.75 -15.31
C SER B 179 8.85 -2.33 -15.26
N ASP B 180 8.69 -3.59 -15.64
CA ASP B 180 7.37 -4.23 -15.66
C ASP B 180 6.83 -4.48 -14.25
N ALA B 181 6.45 -3.43 -13.54
CA ALA B 181 5.93 -3.58 -12.18
C ALA B 181 4.77 -2.65 -11.85
N TYR B 182 4.26 -1.92 -12.84
CA TYR B 182 3.18 -0.97 -12.61
C TYR B 182 1.82 -1.38 -13.20
N LEU B 183 0.77 -1.12 -12.43
CA LEU B 183 -0.59 -1.45 -12.84
C LEU B 183 -1.53 -0.27 -12.63
N ARG B 184 -2.32 0.02 -13.66
CA ARG B 184 -3.31 1.07 -13.55
C ARG B 184 -4.59 0.32 -13.22
N HIS B 185 -5.30 0.79 -12.20
CA HIS B 185 -6.53 0.15 -11.76
C HIS B 185 -7.70 0.56 -12.66
N ILE B 186 -8.46 -0.42 -13.12
CA ILE B 186 -9.63 -0.15 -13.94
C ILE B 186 -10.78 0.12 -12.97
N GLY B 187 -11.59 1.13 -13.26
CA GLY B 187 -12.72 1.42 -12.40
C GLY B 187 -13.84 0.42 -12.58
N ILE B 188 -13.64 -0.78 -12.07
CA ILE B 188 -14.64 -1.84 -12.18
C ILE B 188 -14.51 -2.74 -10.94
N TYR B 189 -15.64 -3.07 -10.32
CA TYR B 189 -15.63 -3.92 -9.13
C TYR B 189 -16.70 -5.00 -9.16
N ALA B 190 -16.39 -6.12 -8.54
CA ALA B 190 -17.33 -7.22 -8.43
C ALA B 190 -17.50 -7.46 -6.95
N TYR B 191 -18.75 -7.48 -6.49
CA TYR B 191 -19.06 -7.73 -5.11
C TYR B 191 -20.53 -8.06 -4.94
N ARG B 192 -20.82 -8.99 -4.04
CA ARG B 192 -22.19 -9.40 -3.78
C ARG B 192 -22.98 -8.26 -3.17
N ALA B 193 -24.27 -8.22 -3.48
CA ALA B 193 -25.15 -7.18 -2.95
C ALA B 193 -24.91 -7.04 -1.45
N GLY B 194 -24.72 -8.18 -0.79
CA GLY B 194 -24.49 -8.19 0.64
C GLY B 194 -23.21 -7.49 1.05
N PHE B 195 -22.16 -7.61 0.25
CA PHE B 195 -20.89 -6.96 0.62
C PHE B 195 -21.00 -5.46 0.48
N ILE B 196 -21.79 -5.03 -0.49
CA ILE B 196 -21.98 -3.60 -0.70
C ILE B 196 -22.67 -3.05 0.55
N LYS B 197 -23.63 -3.80 1.07
CA LYS B 197 -24.35 -3.37 2.27
C LYS B 197 -23.38 -3.23 3.44
N GLN B 198 -22.45 -4.17 3.53
CA GLN B 198 -21.46 -4.15 4.60
C GLN B 198 -20.55 -2.94 4.42
N TYR B 199 -20.24 -2.63 3.17
CA TYR B 199 -19.38 -1.49 2.88
C TYR B 199 -19.93 -0.22 3.54
N VAL B 200 -21.19 0.11 3.29
CA VAL B 200 -21.80 1.31 3.86
C VAL B 200 -22.10 1.20 5.35
N GLN B 201 -21.95 0.01 5.90
CA GLN B 201 -22.16 -0.16 7.34
C GLN B 201 -20.84 0.26 7.99
N TRP B 202 -19.74 0.16 7.23
CA TRP B 202 -18.45 0.59 7.74
C TRP B 202 -18.46 2.11 7.70
N ALA B 203 -17.67 2.72 8.59
CA ALA B 203 -17.59 4.16 8.67
C ALA B 203 -16.63 4.76 7.66
N PRO B 204 -16.96 5.95 7.14
CA PRO B 204 -16.09 6.62 6.17
C PRO B 204 -14.71 6.72 6.82
N THR B 205 -13.65 6.60 6.02
CA THR B 205 -12.30 6.66 6.57
C THR B 205 -11.53 7.89 6.11
N GLN B 206 -10.50 8.26 6.86
CA GLN B 206 -9.67 9.40 6.48
C GLN B 206 -8.88 8.98 5.24
N LEU B 207 -8.47 7.72 5.22
CA LEU B 207 -7.71 7.18 4.11
C LEU B 207 -8.41 7.36 2.76
N GLU B 208 -9.68 6.98 2.69
CA GLU B 208 -10.44 7.11 1.44
C GLU B 208 -10.62 8.57 1.04
N ASN B 209 -10.69 9.46 2.03
CA ASN B 209 -10.87 10.88 1.72
C ASN B 209 -9.58 11.57 1.29
N LEU B 210 -8.43 11.07 1.76
CA LEU B 210 -7.16 11.66 1.37
C LEU B 210 -6.84 11.32 -0.08
N GLU B 211 -6.89 10.03 -0.38
CA GLU B 211 -6.61 9.56 -1.73
C GLU B 211 -7.77 9.75 -2.69
N LYS B 212 -8.99 9.78 -2.15
CA LYS B 212 -10.21 9.89 -2.94
C LYS B 212 -10.41 8.52 -3.61
N LEU B 213 -10.27 7.45 -2.83
CA LEU B 213 -10.45 6.10 -3.38
C LEU B 213 -11.35 5.29 -2.48
N GLU B 214 -12.58 5.11 -2.93
CA GLU B 214 -13.59 4.38 -2.17
C GLU B 214 -13.16 2.98 -1.72
N GLN B 215 -12.33 2.33 -2.52
CA GLN B 215 -11.87 0.98 -2.20
C GLN B 215 -10.92 0.91 -1.00
N LEU B 216 -10.41 2.04 -0.54
CA LEU B 216 -9.51 2.02 0.60
C LEU B 216 -10.25 1.76 1.90
N ARG B 217 -11.57 1.94 1.89
CA ARG B 217 -12.35 1.67 3.10
C ARG B 217 -12.29 0.18 3.33
N VAL B 218 -12.27 -0.58 2.23
CA VAL B 218 -12.22 -2.03 2.28
C VAL B 218 -10.88 -2.50 2.86
N LEU B 219 -9.76 -2.02 2.31
CA LEU B 219 -8.45 -2.40 2.82
C LEU B 219 -8.28 -1.92 4.27
N TYR B 220 -8.77 -0.71 4.54
CA TYR B 220 -8.64 -0.16 5.87
C TYR B 220 -9.31 -1.04 6.91
N ASN B 221 -10.40 -1.69 6.52
CA ASN B 221 -11.11 -2.55 7.46
C ASN B 221 -10.70 -4.02 7.42
N GLY B 222 -9.48 -4.27 6.95
CA GLY B 222 -8.95 -5.62 6.89
C GLY B 222 -9.62 -6.60 5.95
N GLU B 223 -10.24 -6.08 4.89
CA GLU B 223 -10.92 -6.93 3.92
C GLU B 223 -10.02 -7.13 2.71
N ARG B 224 -9.89 -8.38 2.29
CA ARG B 224 -9.05 -8.73 1.15
C ARG B 224 -9.68 -8.40 -0.21
N ILE B 225 -8.86 -7.91 -1.13
CA ILE B 225 -9.30 -7.58 -2.48
C ILE B 225 -8.40 -8.27 -3.50
N HIS B 226 -9.00 -8.84 -4.53
CA HIS B 226 -8.17 -9.47 -5.53
C HIS B 226 -8.22 -8.66 -6.80
N VAL B 227 -7.06 -8.42 -7.39
CA VAL B 227 -7.01 -7.70 -8.64
C VAL B 227 -6.26 -8.56 -9.63
N GLU B 228 -6.81 -8.66 -10.84
CA GLU B 228 -6.17 -9.45 -11.87
C GLU B 228 -5.78 -8.61 -13.05
N LEU B 229 -4.66 -8.97 -13.67
CA LEU B 229 -4.16 -8.25 -14.84
C LEU B 229 -4.94 -8.70 -16.07
N ALA B 230 -5.45 -7.74 -16.82
CA ALA B 230 -6.19 -8.04 -18.03
C ALA B 230 -5.23 -7.68 -19.17
N LYS B 231 -5.44 -8.26 -20.35
CA LYS B 231 -4.57 -7.98 -21.48
C LYS B 231 -5.32 -7.19 -22.54
N GLU B 232 -4.63 -6.24 -23.18
CA GLU B 232 -5.26 -5.40 -24.21
C GLU B 232 -6.29 -4.50 -23.54
N VAL B 233 -5.83 -3.39 -22.95
CA VAL B 233 -6.73 -2.50 -22.24
C VAL B 233 -7.94 -1.98 -23.04
N PRO B 234 -7.78 -0.99 -23.95
CA PRO B 234 -6.69 -0.15 -24.47
C PRO B 234 -6.67 1.22 -23.78
N ALA B 235 -7.82 1.64 -23.26
CA ALA B 235 -7.94 2.92 -22.56
C ALA B 235 -8.62 2.71 -21.20
N VAL B 236 -8.23 3.51 -20.21
CA VAL B 236 -8.81 3.38 -18.87
C VAL B 236 -9.15 4.73 -18.24
N GLY B 237 -10.31 4.80 -17.59
CA GLY B 237 -10.76 5.99 -16.91
C GLY B 237 -10.67 7.35 -17.59
N VAL B 238 -11.80 8.05 -17.61
CA VAL B 238 -11.89 9.38 -18.21
C VAL B 238 -12.27 10.34 -17.08
N ASP B 239 -11.31 11.13 -16.61
CA ASP B 239 -11.58 12.08 -15.53
C ASP B 239 -11.42 13.51 -16.01
N THR B 240 -10.58 13.69 -17.03
CA THR B 240 -10.29 15.01 -17.59
C THR B 240 -10.71 15.12 -19.04
N ALA B 241 -10.75 16.34 -19.55
CA ALA B 241 -11.11 16.58 -20.94
C ALA B 241 -10.10 15.87 -21.82
N GLU B 242 -8.86 15.78 -21.35
CA GLU B 242 -7.78 15.14 -22.09
C GLU B 242 -8.02 13.64 -22.25
N ASP B 243 -8.43 12.98 -21.17
CA ASP B 243 -8.69 11.53 -21.22
C ASP B 243 -9.79 11.30 -22.23
N LEU B 244 -10.68 12.29 -22.34
CA LEU B 244 -11.79 12.24 -23.25
C LEU B 244 -11.26 12.22 -24.69
N GLU B 245 -10.22 13.01 -24.96
CA GLU B 245 -9.62 13.05 -26.30
C GLU B 245 -8.83 11.77 -26.54
N LYS B 246 -8.43 11.14 -25.44
CA LYS B 246 -7.69 9.89 -25.45
C LYS B 246 -8.63 8.78 -25.97
N VAL B 247 -9.88 8.80 -25.51
CA VAL B 247 -10.88 7.82 -25.92
C VAL B 247 -11.29 8.05 -27.38
N ARG B 248 -11.49 9.31 -27.75
CA ARG B 248 -11.87 9.63 -29.11
C ARG B 248 -10.77 9.21 -30.09
N ALA B 249 -9.51 9.36 -29.66
CA ALA B 249 -8.38 8.98 -30.50
C ALA B 249 -8.32 7.47 -30.68
N ILE B 250 -8.42 6.73 -29.58
CA ILE B 250 -8.38 5.27 -29.64
C ILE B 250 -9.54 4.71 -30.46
N LEU B 251 -10.58 5.51 -30.69
CA LEU B 251 -11.72 5.09 -31.48
C LEU B 251 -11.60 5.56 -32.92
N ALA B 252 -11.07 6.76 -33.09
CA ALA B 252 -10.88 7.32 -34.42
C ALA B 252 -10.01 6.33 -35.20
N ALA B 253 -9.10 5.68 -34.48
CA ALA B 253 -8.21 4.69 -35.06
C ALA B 253 -8.98 3.37 -35.15
N ASN B 254 -10.19 3.46 -35.69
CA ASN B 254 -11.11 2.33 -35.86
C ASN B 254 -10.48 0.96 -35.60
C1 KDO C . 16.67 1.55 4.77
O1A KDO C . 16.10 2.49 5.39
O1B KDO C . 16.96 1.56 3.56
C2 KDO C . 17.08 0.33 5.59
O2 KDO C . 18.19 0.44 6.50
C3 KDO C . 16.98 -1.07 4.98
C4 KDO C . 15.62 -1.29 4.30
O4 KDO C . 15.54 -2.62 3.79
C5 KDO C . 14.50 -1.08 5.32
O5 KDO C . 14.57 -2.10 6.33
C6 KDO C . 14.71 0.28 6.00
O6 KDO C . 16.03 0.31 6.57
C7 KDO C . 13.64 0.47 7.07
O7 KDO C . 12.35 0.51 6.45
C8 KDO C . 13.88 1.77 7.84
O8 KDO C . 13.94 2.86 6.92
O1 P4C D . 19.27 -4.52 -1.60
C2 P4C D . 19.61 -4.73 -2.98
C3 P4C D . 18.82 -5.13 -4.12
O4 P4C D . 19.59 -5.98 -5.18
C5 P4C D . 20.04 -5.22 -6.33
C6 P4C D . 19.35 -5.76 -7.45
O7 P4C D . 18.19 -4.94 -8.01
C8 P4C D . 18.12 -5.03 -9.45
C9 P4C D . 17.00 -4.24 -9.95
O10 P4C D . 15.60 -5.00 -10.00
C11 P4C D . 15.21 -5.56 -11.26
C12 P4C D . 13.94 -6.22 -11.12
O13 P4C D . 13.91 -7.52 -10.27
C14 P4C D . 13.01 -8.55 -10.72
C15 P4C D . 13.39 -9.84 -10.24
O16 P4C D . 14.68 -9.80 -9.35
C17 P4C D . 15.14 -11.08 -8.92
C18 P4C D . 16.56 -11.13 -9.11
O19 P4C D . 17.35 -11.18 -7.74
C20 P4C D . 18.27 -10.07 -7.52
C21 P4C D . 18.40 -9.59 -6.15
O22 P4C D . 19.09 -9.07 -5.91
C1 KDO E . -13.57 7.59 -10.63
O1A KDO E . -13.16 7.59 -11.82
O1B KDO E . -14.66 8.05 -10.24
C2 KDO E . -12.65 6.97 -9.58
O2 KDO E . -11.48 7.78 -9.44
C3 KDO E . -13.38 6.88 -8.24
C4 KDO E . -12.44 6.27 -7.20
O4 KDO E . -13.15 6.06 -5.98
C5 KDO E . -11.89 4.93 -7.70
O5 KDO E . -12.96 3.98 -7.77
C6 KDO E . -11.30 5.12 -9.10
O6 KDO E . -12.28 5.66 -10.00
C7 KDO E . -10.75 3.79 -9.63
O7 KDO E . -9.61 3.40 -8.85
C8 KDO E . -10.35 3.90 -11.11
O8 KDO E . -9.40 4.95 -11.27
#